data_2O3Z
#
_entry.id   2O3Z
#
_cell.length_a   101.006
_cell.length_b   101.006
_cell.length_c   122.674
_cell.angle_alpha   90.00
_cell.angle_beta   90.00
_cell.angle_gamma   120.00
#
_symmetry.space_group_name_H-M   'P 61'
#
loop_
_entity.id
_entity.type
_entity.pdbx_description
1 polymer 'UDP-3-O-[3-hydroxymyristoyl] N-acetylglucosamine deacetylase'
2 non-polymer 'SULFATE ION'
3 non-polymer 'ZINC ION'
4 non-polymer 'CHLORIDE ION'
5 non-polymer '3-(heptyloxy)benzoic acid'
6 water water
#
_entity_poly.entity_id   1
_entity_poly.type   'polypeptide(L)'
_entity_poly.pdbx_seq_one_letter_code
;MGLEKTVKEKLSFEGVGIHTGEYSKLIIHPEKEGTGIRFFKNGVYIPARHEFVVHTNHSTDLGFKGQRIKTVEHILSVLH
LLEITNVTIEVIGNEIPILDGSGWEFYEAIRKNILNQNREIDYFVVEEPIIVEDEGRLIKAEPSDTLEVTYEGEFKNFLG
RQKFTFVEGNEEEIVLARTFAFDWEIEHIKKVGLGKGGSLKNTLVLGKDKVYNPEGLRYENEPVRHKVFDLIGDLYLLGS
PVKGKFYSFRGGHSLNVKLVKELAKKQKLTR
;
_entity_poly.pdbx_strand_id   A,B
#
loop_
_chem_comp.id
_chem_comp.type
_chem_comp.name
_chem_comp.formula
AI7 non-polymer '3-(heptyloxy)benzoic acid' 'C14 H20 O3'
CL non-polymer 'CHLORIDE ION' 'Cl -1'
SO4 non-polymer 'SULFATE ION' 'O4 S -2'
ZN non-polymer 'ZINC ION' 'Zn 2'
#
# COMPACT_ATOMS: atom_id res chain seq x y z
N GLY A 2 -26.23 13.18 31.54
CA GLY A 2 -26.27 11.74 31.19
C GLY A 2 -25.61 10.85 32.23
N LEU A 3 -25.94 9.57 32.20
CA LEU A 3 -25.37 8.64 33.15
C LEU A 3 -24.06 8.04 32.63
N GLU A 4 -23.18 7.68 33.56
CA GLU A 4 -21.92 7.05 33.19
C GLU A 4 -22.28 5.76 32.47
N LYS A 5 -21.40 5.31 31.56
CA LYS A 5 -21.67 4.10 30.81
C LYS A 5 -20.44 3.20 30.65
N THR A 6 -20.71 1.94 30.34
CA THR A 6 -19.68 0.93 30.11
C THR A 6 -20.28 0.02 29.07
N VAL A 7 -19.60 -1.07 28.74
CA VAL A 7 -20.17 -1.99 27.76
C VAL A 7 -20.80 -3.16 28.49
N LYS A 8 -21.79 -3.80 27.87
CA LYS A 8 -22.49 -4.93 28.48
C LYS A 8 -21.60 -6.14 28.67
N GLU A 9 -20.72 -6.38 27.70
CA GLU A 9 -19.82 -7.51 27.75
C GLU A 9 -18.55 -7.21 26.95
N LYS A 10 -17.53 -8.03 27.14
CA LYS A 10 -16.27 -7.86 26.43
C LYS A 10 -16.53 -7.70 24.94
N LEU A 11 -15.76 -6.84 24.29
CA LEU A 11 -15.87 -6.64 22.86
C LEU A 11 -14.44 -6.77 22.35
N SER A 12 -14.25 -7.30 21.16
CA SER A 12 -12.89 -7.44 20.66
C SER A 12 -12.75 -6.97 19.23
N PHE A 13 -11.56 -6.45 18.93
CA PHE A 13 -11.24 -5.96 17.60
C PHE A 13 -9.78 -6.33 17.34
N GLU A 14 -9.44 -6.48 16.07
CA GLU A 14 -8.07 -6.83 15.72
C GLU A 14 -7.76 -6.42 14.29
N GLY A 15 -6.48 -6.24 14.02
CA GLY A 15 -6.05 -5.85 12.69
C GLY A 15 -4.68 -5.21 12.75
N VAL A 16 -4.16 -4.81 11.60
CA VAL A 16 -2.85 -4.19 11.52
C VAL A 16 -2.91 -2.75 12.05
N GLY A 17 -1.80 -2.30 12.63
CA GLY A 17 -1.72 -0.93 13.14
C GLY A 17 -1.26 -0.10 11.96
N ILE A 18 -1.79 1.11 11.78
CA ILE A 18 -1.38 1.90 10.62
C ILE A 18 0.09 2.31 10.64
N HIS A 19 0.65 2.51 11.84
CA HIS A 19 2.05 2.92 11.94
C HIS A 19 3.08 1.80 12.11
N THR A 20 2.86 0.92 13.08
CA THR A 20 3.79 -0.17 13.34
C THR A 20 3.79 -1.24 12.24
N GLY A 21 2.67 -1.37 11.54
CA GLY A 21 2.57 -2.38 10.50
C GLY A 21 2.40 -3.75 11.14
N GLU A 22 2.19 -3.78 12.46
CA GLU A 22 2.04 -5.04 13.18
C GLU A 22 0.58 -5.36 13.49
N TYR A 23 0.29 -6.65 13.69
CA TYR A 23 -1.05 -7.12 14.00
C TYR A 23 -1.34 -6.92 15.49
N SER A 24 -2.47 -6.29 15.79
CA SER A 24 -2.83 -6.05 17.19
C SER A 24 -4.24 -6.50 17.51
N LYS A 25 -4.54 -6.60 18.79
CA LYS A 25 -5.86 -7.00 19.23
C LYS A 25 -6.29 -6.19 20.44
N LEU A 26 -7.57 -5.82 20.46
CA LEU A 26 -8.12 -5.07 21.57
C LEU A 26 -9.23 -5.86 22.26
N ILE A 27 -9.36 -5.66 23.56
CA ILE A 27 -10.41 -6.29 24.33
C ILE A 27 -10.94 -5.20 25.26
N ILE A 28 -12.16 -4.74 24.98
CA ILE A 28 -12.78 -3.71 25.79
C ILE A 28 -13.50 -4.38 26.96
N HIS A 29 -13.00 -4.13 28.18
CA HIS A 29 -13.56 -4.71 29.39
C HIS A 29 -14.49 -3.75 30.13
N PRO A 30 -15.63 -4.26 30.61
CA PRO A 30 -16.60 -3.44 31.37
C PRO A 30 -15.93 -3.05 32.68
N GLU A 31 -16.34 -1.92 33.26
CA GLU A 31 -15.77 -1.46 34.52
C GLU A 31 -16.86 -0.76 35.32
N LYS A 32 -16.66 -0.66 36.64
CA LYS A 32 -17.65 -0.03 37.51
C LYS A 32 -17.61 1.48 37.45
N GLU A 33 -18.59 2.12 38.11
CA GLU A 33 -18.70 3.56 38.14
C GLU A 33 -17.43 4.20 38.67
N GLY A 34 -17.08 5.36 38.12
CA GLY A 34 -15.89 6.07 38.56
C GLY A 34 -14.54 5.51 38.15
N THR A 35 -14.52 4.46 37.35
CA THR A 35 -13.23 3.89 36.91
C THR A 35 -12.54 4.84 35.93
N GLY A 36 -13.29 5.30 34.94
CA GLY A 36 -12.73 6.19 33.94
C GLY A 36 -12.30 5.37 32.74
N ILE A 37 -11.69 6.02 31.76
CA ILE A 37 -11.22 5.31 30.57
C ILE A 37 -9.73 5.00 30.72
N ARG A 38 -9.35 3.76 30.47
CA ARG A 38 -7.94 3.41 30.57
C ARG A 38 -7.57 2.23 29.69
N PHE A 39 -6.29 2.16 29.32
CA PHE A 39 -5.79 1.07 28.51
C PHE A 39 -5.02 0.14 29.46
N PHE A 40 -4.77 -1.08 29.01
CA PHE A 40 -4.05 -2.06 29.81
C PHE A 40 -3.12 -2.80 28.87
N LYS A 41 -1.83 -2.80 29.18
CA LYS A 41 -0.83 -3.48 28.36
C LYS A 41 0.28 -4.06 29.23
N ASN A 42 0.58 -5.34 29.02
CA ASN A 42 1.61 -6.03 29.79
C ASN A 42 1.55 -5.70 31.26
N GLY A 43 0.38 -5.91 31.85
CA GLY A 43 0.20 -5.66 33.27
C GLY A 43 0.19 -4.21 33.71
N VAL A 44 0.24 -3.28 32.77
CA VAL A 44 0.24 -1.86 33.15
C VAL A 44 -0.98 -1.10 32.69
N TYR A 45 -1.56 -0.33 33.59
CA TYR A 45 -2.72 0.49 33.27
C TYR A 45 -2.28 1.86 32.81
N ILE A 46 -2.77 2.28 31.64
CA ILE A 46 -2.43 3.58 31.09
C ILE A 46 -3.72 4.41 30.96
N PRO A 47 -3.97 5.32 31.90
CA PRO A 47 -5.16 6.18 31.89
C PRO A 47 -5.26 6.96 30.59
N ALA A 48 -6.46 7.06 30.01
CA ALA A 48 -6.63 7.83 28.79
C ALA A 48 -6.68 9.31 29.18
N ARG A 49 -5.54 9.84 29.61
CA ARG A 49 -5.43 11.23 30.04
C ARG A 49 -4.20 11.90 29.45
N HIS A 50 -4.23 13.24 29.39
CA HIS A 50 -3.13 14.00 28.80
C HIS A 50 -1.74 13.82 29.43
N GLU A 51 -1.66 13.58 30.73
CA GLU A 51 -0.37 13.39 31.39
C GLU A 51 0.41 12.21 30.83
N PHE A 52 -0.29 11.28 30.18
CA PHE A 52 0.35 10.10 29.63
C PHE A 52 0.70 10.14 28.14
N VAL A 53 0.41 11.26 27.48
CA VAL A 53 0.73 11.40 26.06
C VAL A 53 2.26 11.42 25.90
N VAL A 54 2.78 10.68 24.93
CA VAL A 54 4.23 10.63 24.73
C VAL A 54 4.64 11.01 23.31
N HIS A 55 3.67 11.08 22.40
CA HIS A 55 3.94 11.41 21.01
C HIS A 55 2.65 11.95 20.36
N THR A 56 2.78 12.98 19.52
CA THR A 56 1.62 13.55 18.83
C THR A 56 1.83 13.79 17.33
N ASN A 57 2.98 13.38 16.80
CA ASN A 57 3.25 13.56 15.37
C ASN A 57 2.65 12.40 14.58
N HIS A 58 1.61 12.66 13.81
CA HIS A 58 0.97 11.62 12.98
C HIS A 58 0.04 10.66 13.72
N SER A 59 -0.04 10.82 15.04
CA SER A 59 -0.94 10.01 15.87
C SER A 59 -0.82 10.47 17.32
N THR A 60 -1.74 10.04 18.16
CA THR A 60 -1.70 10.38 19.57
C THR A 60 -1.34 9.09 20.29
N ASP A 61 -0.17 9.07 20.94
CA ASP A 61 0.25 7.86 21.64
C ASP A 61 0.40 8.08 23.13
N LEU A 62 0.09 7.05 23.90
CA LEU A 62 0.17 7.12 25.34
C LEU A 62 1.22 6.15 25.86
N GLY A 63 1.66 6.37 27.08
CA GLY A 63 2.65 5.50 27.68
C GLY A 63 2.74 5.71 29.17
N PHE A 64 3.24 4.69 29.87
CA PHE A 64 3.42 4.74 31.32
C PHE A 64 4.25 3.54 31.72
N LYS A 65 5.25 3.76 32.57
CA LYS A 65 6.11 2.68 33.04
C LYS A 65 6.72 1.81 31.95
N GLY A 66 7.11 2.41 30.84
CA GLY A 66 7.74 1.64 29.78
C GLY A 66 6.82 0.91 28.81
N GLN A 67 5.51 1.11 28.92
CA GLN A 67 4.57 0.46 28.02
C GLN A 67 3.92 1.53 27.17
N ARG A 68 4.02 1.40 25.84
CA ARG A 68 3.46 2.39 24.94
C ARG A 68 2.40 1.84 24.01
N ILE A 69 1.40 2.66 23.74
CA ILE A 69 0.31 2.29 22.84
C ILE A 69 0.13 3.44 21.87
N LYS A 70 0.29 3.15 20.58
CA LYS A 70 0.17 4.18 19.56
C LYS A 70 -1.23 4.26 18.96
N THR A 71 -1.57 5.48 18.51
CA THR A 71 -2.81 5.75 17.81
C THR A 71 -4.10 5.45 18.58
N VAL A 72 -4.31 6.18 19.67
CA VAL A 72 -5.49 5.99 20.50
C VAL A 72 -6.62 6.98 20.18
N GLU A 73 -6.39 7.89 19.24
CA GLU A 73 -7.40 8.91 18.95
C GLU A 73 -8.75 8.44 18.42
N HIS A 74 -8.76 7.43 17.56
CA HIS A 74 -10.00 6.95 16.98
C HIS A 74 -10.90 6.19 17.96
N ILE A 75 -10.31 5.30 18.75
CA ILE A 75 -11.10 4.56 19.72
C ILE A 75 -11.57 5.53 20.80
N LEU A 76 -10.71 6.47 21.18
CA LEU A 76 -11.10 7.43 22.20
C LEU A 76 -12.22 8.34 21.70
N SER A 77 -12.18 8.70 20.42
CA SER A 77 -13.22 9.56 19.88
C SER A 77 -14.59 8.87 19.90
N VAL A 78 -14.61 7.59 19.53
CA VAL A 78 -15.84 6.83 19.50
C VAL A 78 -16.40 6.71 20.92
N LEU A 79 -15.52 6.43 21.89
CA LEU A 79 -15.92 6.29 23.29
C LEU A 79 -16.43 7.63 23.84
N HIS A 80 -15.86 8.73 23.35
CA HIS A 80 -16.26 10.06 23.80
C HIS A 80 -17.66 10.37 23.27
N LEU A 81 -17.86 10.13 21.99
CA LEU A 81 -19.13 10.38 21.32
C LEU A 81 -20.28 9.57 21.91
N LEU A 82 -20.00 8.32 22.29
CA LEU A 82 -21.03 7.45 22.87
C LEU A 82 -21.13 7.61 24.39
N GLU A 83 -20.28 8.45 24.95
CA GLU A 83 -20.23 8.70 26.38
C GLU A 83 -19.87 7.49 27.23
N ILE A 84 -19.07 6.58 26.69
CA ILE A 84 -18.62 5.44 27.46
C ILE A 84 -17.56 6.04 28.38
N THR A 85 -17.81 5.97 29.68
CA THR A 85 -16.92 6.55 30.67
C THR A 85 -16.09 5.56 31.49
N ASN A 86 -16.53 4.32 31.55
CA ASN A 86 -15.80 3.33 32.33
C ASN A 86 -15.55 2.03 31.57
N VAL A 87 -14.31 1.85 31.12
CA VAL A 87 -13.88 0.66 30.41
C VAL A 87 -12.36 0.57 30.43
N THR A 88 -11.86 -0.65 30.32
CA THR A 88 -10.44 -0.88 30.26
C THR A 88 -10.17 -1.46 28.89
N ILE A 89 -9.35 -0.77 28.11
CA ILE A 89 -9.03 -1.22 26.78
C ILE A 89 -7.71 -1.97 26.83
N GLU A 90 -7.82 -3.30 26.81
CA GLU A 90 -6.64 -4.14 26.87
C GLU A 90 -6.06 -4.26 25.47
N VAL A 91 -4.78 -3.95 25.34
CA VAL A 91 -4.12 -4.03 24.05
C VAL A 91 -3.03 -5.08 24.03
N ILE A 92 -3.18 -6.04 23.14
CA ILE A 92 -2.19 -7.08 22.97
C ILE A 92 -1.48 -6.58 21.72
N GLY A 93 -0.41 -5.81 21.93
CA GLY A 93 0.31 -5.25 20.80
C GLY A 93 0.79 -3.86 21.16
N ASN A 94 1.29 -3.13 20.17
CA ASN A 94 1.83 -1.79 20.41
C ASN A 94 1.03 -0.64 19.83
N GLU A 95 -0.12 -0.94 19.24
CA GLU A 95 -0.92 0.10 18.62
C GLU A 95 -2.37 -0.33 18.46
N ILE A 96 -3.26 0.64 18.41
CA ILE A 96 -4.67 0.37 18.22
C ILE A 96 -4.88 0.00 16.75
N PRO A 97 -5.61 -1.09 16.48
CA PRO A 97 -5.83 -1.46 15.07
C PRO A 97 -6.44 -0.26 14.34
N ILE A 98 -6.02 -0.02 13.11
CA ILE A 98 -6.55 1.10 12.34
C ILE A 98 -7.84 0.72 11.60
N LEU A 99 -8.03 -0.58 11.35
CA LEU A 99 -9.21 -1.07 10.63
C LEU A 99 -9.36 -0.36 9.30
N ASP A 100 -10.51 0.25 9.05
CA ASP A 100 -10.69 0.94 7.77
C ASP A 100 -10.25 2.41 7.84
N GLY A 101 -9.70 2.82 8.98
CA GLY A 101 -9.23 4.19 9.11
C GLY A 101 -10.23 5.17 9.71
N SER A 102 -11.45 4.73 9.98
CA SER A 102 -12.46 5.59 10.57
C SER A 102 -12.86 4.98 11.90
N GLY A 103 -13.92 5.50 12.51
CA GLY A 103 -14.36 4.95 13.78
C GLY A 103 -15.59 4.08 13.63
N TRP A 104 -16.00 3.85 12.39
CA TRP A 104 -17.20 3.06 12.10
C TRP A 104 -17.36 1.71 12.80
N GLU A 105 -16.40 0.82 12.62
CA GLU A 105 -16.49 -0.50 13.23
C GLU A 105 -16.55 -0.41 14.75
N PHE A 106 -15.76 0.49 15.35
CA PHE A 106 -15.76 0.67 16.80
C PHE A 106 -17.14 1.18 17.24
N TYR A 107 -17.65 2.16 16.50
CA TYR A 107 -18.94 2.79 16.79
C TYR A 107 -20.12 1.84 16.72
N GLU A 108 -20.18 1.06 15.64
CA GLU A 108 -21.26 0.10 15.45
C GLU A 108 -21.35 -0.94 16.56
N ALA A 109 -20.20 -1.47 16.97
CA ALA A 109 -20.19 -2.50 18.00
C ALA A 109 -20.48 -1.96 19.40
N ILE A 110 -19.78 -0.91 19.78
CA ILE A 110 -19.96 -0.34 21.12
C ILE A 110 -21.36 0.24 21.33
N ARG A 111 -21.91 0.84 20.28
CA ARG A 111 -23.24 1.45 20.34
C ARG A 111 -24.36 0.44 20.62
N LYS A 112 -24.16 -0.80 20.19
CA LYS A 112 -25.15 -1.85 20.40
C LYS A 112 -24.92 -2.56 21.73
N ASN A 113 -23.92 -2.12 22.49
CA ASN A 113 -23.60 -2.76 23.76
C ASN A 113 -23.41 -1.78 24.91
N ILE A 114 -24.19 -0.71 24.91
CA ILE A 114 -24.09 0.30 25.96
C ILE A 114 -24.85 -0.12 27.22
N LEU A 115 -24.24 0.11 28.37
CA LEU A 115 -24.85 -0.20 29.66
C LEU A 115 -24.83 1.07 30.51
N ASN A 116 -26.00 1.68 30.71
CA ASN A 116 -26.06 2.87 31.54
C ASN A 116 -25.72 2.44 32.95
N GLN A 117 -25.12 3.34 33.70
CA GLN A 117 -24.73 3.01 35.06
C GLN A 117 -25.37 3.91 36.10
N ASN A 118 -25.00 3.71 37.35
CA ASN A 118 -25.61 4.46 38.44
C ASN A 118 -24.90 5.71 38.93
N ARG A 119 -24.55 6.58 38.00
CA ARG A 119 -23.88 7.82 38.34
C ARG A 119 -23.97 8.83 37.20
N GLU A 120 -24.24 10.08 37.55
CA GLU A 120 -24.32 11.16 36.58
C GLU A 120 -22.89 11.48 36.17
N ILE A 121 -22.66 11.56 34.87
CA ILE A 121 -21.33 11.88 34.35
C ILE A 121 -20.87 13.22 34.91
N ASP A 122 -19.61 13.29 35.31
CA ASP A 122 -19.06 14.55 35.80
C ASP A 122 -18.27 15.08 34.61
N TYR A 123 -18.93 15.91 33.79
CA TYR A 123 -18.33 16.48 32.59
C TYR A 123 -17.23 17.49 32.82
N PHE A 124 -16.29 17.56 31.88
CA PHE A 124 -15.25 18.57 31.97
C PHE A 124 -15.93 19.72 31.23
N VAL A 125 -16.19 20.80 31.94
CA VAL A 125 -16.88 21.94 31.36
C VAL A 125 -15.97 23.14 31.16
N VAL A 126 -15.75 23.51 29.91
CA VAL A 126 -14.92 24.68 29.61
C VAL A 126 -15.62 25.86 30.27
N GLU A 127 -14.93 26.48 31.22
CA GLU A 127 -15.50 27.60 31.97
C GLU A 127 -15.31 28.99 31.33
N GLU A 128 -14.15 29.23 30.74
CA GLU A 128 -13.86 30.52 30.11
C GLU A 128 -13.20 30.31 28.75
N PRO A 129 -13.22 31.36 27.91
CA PRO A 129 -12.60 31.26 26.58
C PRO A 129 -11.10 31.06 26.67
N ILE A 130 -10.55 30.26 25.76
CA ILE A 130 -9.13 30.01 25.74
C ILE A 130 -8.70 29.83 24.29
N ILE A 131 -7.45 30.18 24.01
CA ILE A 131 -6.92 30.06 22.67
C ILE A 131 -5.45 29.64 22.72
N VAL A 132 -5.10 28.65 21.89
CA VAL A 132 -3.72 28.20 21.81
C VAL A 132 -3.34 28.34 20.34
N GLU A 133 -2.12 28.81 20.09
CA GLU A 133 -1.66 28.99 18.72
C GLU A 133 -0.34 28.31 18.46
N ASP A 134 -0.01 28.18 17.18
CA ASP A 134 1.22 27.54 16.77
C ASP A 134 1.45 27.76 15.29
N GLU A 135 2.34 28.70 14.96
CA GLU A 135 2.67 29.02 13.58
C GLU A 135 1.48 28.90 12.62
N GLY A 136 0.56 29.85 12.70
CA GLY A 136 -0.60 29.83 11.82
C GLY A 136 -1.75 28.96 12.31
N ARG A 137 -1.42 27.84 12.94
CA ARG A 137 -2.45 26.95 13.45
C ARG A 137 -3.07 27.56 14.71
N LEU A 138 -4.37 27.36 14.88
CA LEU A 138 -5.05 27.92 16.04
C LEU A 138 -6.27 27.11 16.45
N ILE A 139 -6.47 26.99 17.76
CA ILE A 139 -7.64 26.29 18.29
C ILE A 139 -8.23 27.13 19.38
N LYS A 140 -9.54 27.35 19.30
CA LYS A 140 -10.25 28.15 20.29
C LYS A 140 -11.30 27.31 21.00
N ALA A 141 -11.44 27.54 22.30
CA ALA A 141 -12.43 26.82 23.09
C ALA A 141 -13.20 27.82 23.93
N GLU A 142 -14.47 27.55 24.15
CA GLU A 142 -15.29 28.44 24.95
C GLU A 142 -16.51 27.71 25.51
N PRO A 143 -17.13 28.28 26.55
CA PRO A 143 -18.31 27.71 27.21
C PRO A 143 -19.47 27.32 26.30
N SER A 144 -20.06 26.18 26.59
CA SER A 144 -21.20 25.66 25.83
C SER A 144 -21.83 24.51 26.61
N ASP A 145 -23.14 24.38 26.52
CA ASP A 145 -23.85 23.32 27.22
C ASP A 145 -23.74 22.01 26.46
N THR A 146 -23.38 22.11 25.18
CA THR A 146 -23.23 20.93 24.35
C THR A 146 -21.86 20.93 23.70
N LEU A 147 -21.38 19.75 23.34
CA LEU A 147 -20.09 19.62 22.69
C LEU A 147 -20.25 20.05 21.24
N GLU A 148 -19.55 21.10 20.85
CA GLU A 148 -19.61 21.59 19.47
C GLU A 148 -18.18 21.74 19.00
N VAL A 149 -17.86 21.08 17.89
CA VAL A 149 -16.51 21.11 17.35
C VAL A 149 -16.48 21.41 15.85
N THR A 150 -15.79 22.50 15.51
CA THR A 150 -15.65 22.91 14.13
C THR A 150 -14.18 22.84 13.75
N TYR A 151 -13.91 22.42 12.53
CA TYR A 151 -12.54 22.35 12.05
C TYR A 151 -12.48 23.03 10.69
N GLU A 152 -11.54 23.95 10.53
CA GLU A 152 -11.39 24.61 9.26
C GLU A 152 -10.03 24.27 8.70
N GLY A 153 -10.02 23.79 7.45
CA GLY A 153 -8.78 23.44 6.82
C GLY A 153 -8.47 24.40 5.69
N GLU A 154 -7.17 24.60 5.46
CA GLU A 154 -6.68 25.47 4.40
C GLU A 154 -5.67 24.57 3.70
N PHE A 155 -6.17 23.74 2.80
CA PHE A 155 -5.33 22.78 2.09
C PHE A 155 -4.64 23.33 0.84
N LYS A 156 -3.42 22.85 0.61
CA LYS A 156 -2.63 23.29 -0.53
C LYS A 156 -2.86 22.46 -1.80
N ASN A 157 -4.01 21.81 -1.87
CA ASN A 157 -4.36 21.00 -3.04
C ASN A 157 -5.77 21.40 -3.46
N PHE A 158 -6.45 20.53 -4.20
CA PHE A 158 -7.80 20.86 -4.67
C PHE A 158 -8.81 21.12 -3.55
N LEU A 159 -8.62 20.52 -2.38
CA LEU A 159 -9.54 20.72 -1.27
C LEU A 159 -9.72 22.20 -0.91
N GLY A 160 -8.62 22.97 -0.95
CA GLY A 160 -8.70 24.39 -0.64
C GLY A 160 -9.21 24.68 0.76
N ARG A 161 -10.07 25.68 0.89
CA ARG A 161 -10.60 26.04 2.20
C ARG A 161 -11.95 25.37 2.46
N GLN A 162 -11.96 24.47 3.43
CA GLN A 162 -13.17 23.74 3.80
C GLN A 162 -13.41 23.83 5.30
N LYS A 163 -14.68 23.69 5.68
CA LYS A 163 -15.10 23.82 7.07
C LYS A 163 -16.21 22.82 7.42
N PHE A 164 -16.16 22.25 8.63
CA PHE A 164 -17.19 21.31 9.08
C PHE A 164 -17.47 21.43 10.56
N THR A 165 -18.74 21.34 10.93
CA THR A 165 -19.15 21.45 12.32
C THR A 165 -19.94 20.26 12.88
N PHE A 166 -19.42 19.67 13.95
CA PHE A 166 -20.11 18.59 14.64
C PHE A 166 -20.88 19.20 15.80
N VAL A 167 -22.10 18.72 16.02
CA VAL A 167 -22.89 19.15 17.17
C VAL A 167 -23.48 17.83 17.68
N GLU A 168 -23.80 17.78 18.97
CA GLU A 168 -24.36 16.56 19.55
C GLU A 168 -25.54 16.04 18.75
N GLY A 169 -25.54 14.74 18.49
CA GLY A 169 -26.63 14.14 17.75
C GLY A 169 -26.25 13.79 16.32
N ASN A 170 -25.16 14.38 15.83
CA ASN A 170 -24.73 14.12 14.47
C ASN A 170 -23.48 13.23 14.42
N GLU A 171 -23.36 12.34 15.41
CA GLU A 171 -22.22 11.43 15.49
C GLU A 171 -21.95 10.67 14.20
N GLU A 172 -23.01 10.17 13.57
CA GLU A 172 -22.88 9.40 12.35
C GLU A 172 -22.31 10.16 11.15
N GLU A 173 -22.20 11.48 11.26
CA GLU A 173 -21.64 12.26 10.16
C GLU A 173 -20.12 12.29 10.21
N ILE A 174 -19.54 11.84 11.32
CA ILE A 174 -18.08 11.85 11.41
C ILE A 174 -17.40 10.52 11.71
N VAL A 175 -18.15 9.51 12.16
CA VAL A 175 -17.54 8.22 12.48
C VAL A 175 -17.15 7.41 11.25
N LEU A 176 -17.55 7.88 10.08
CA LEU A 176 -17.20 7.18 8.83
C LEU A 176 -16.03 7.84 8.09
N ALA A 177 -15.73 9.10 8.39
CA ALA A 177 -14.62 9.80 7.71
C ALA A 177 -13.29 9.07 7.95
N ARG A 178 -12.66 8.62 6.87
N ARG A 178 -12.66 8.63 6.86
CA ARG A 178 -11.40 7.90 6.97
CA ARG A 178 -11.40 7.91 6.98
C ARG A 178 -10.15 8.74 7.13
C ARG A 178 -10.14 8.76 7.17
N THR A 179 -9.10 8.09 7.63
CA THR A 179 -7.79 8.70 7.84
C THR A 179 -7.33 9.14 6.45
N PHE A 180 -6.57 10.23 6.38
CA PHE A 180 -6.08 10.69 5.10
C PHE A 180 -4.66 11.24 5.23
N ALA A 181 -3.99 11.39 4.08
CA ALA A 181 -2.64 11.92 4.03
C ALA A 181 -2.40 12.37 2.59
N PHE A 182 -1.59 13.40 2.43
CA PHE A 182 -1.28 13.88 1.10
C PHE A 182 -0.11 13.05 0.59
N ASP A 183 -0.02 12.87 -0.72
CA ASP A 183 1.05 12.07 -1.27
C ASP A 183 2.42 12.63 -0.92
N TRP A 184 2.55 13.95 -0.88
CA TRP A 184 3.84 14.59 -0.58
C TRP A 184 4.38 14.34 0.82
N GLU A 185 3.57 13.79 1.71
CA GLU A 185 4.04 13.52 3.07
C GLU A 185 4.24 12.03 3.32
N ILE A 186 3.92 11.19 2.33
CA ILE A 186 4.09 9.76 2.48
C ILE A 186 5.58 9.40 2.65
N GLU A 187 6.43 9.98 1.81
CA GLU A 187 7.86 9.72 1.88
C GLU A 187 8.41 10.01 3.28
N HIS A 188 8.04 11.15 3.84
CA HIS A 188 8.49 11.54 5.17
C HIS A 188 8.03 10.59 6.26
N ILE A 189 6.73 10.31 6.29
CA ILE A 189 6.17 9.42 7.29
C ILE A 189 6.90 8.07 7.31
N LYS A 190 7.18 7.54 6.12
CA LYS A 190 7.86 6.25 6.00
C LYS A 190 9.31 6.30 6.49
N LYS A 191 10.01 7.39 6.16
CA LYS A 191 11.40 7.52 6.54
C LYS A 191 11.64 7.70 8.04
N VAL A 192 10.63 8.17 8.76
CA VAL A 192 10.76 8.38 10.20
C VAL A 192 10.22 7.16 10.96
N GLY A 193 10.12 6.04 10.28
CA GLY A 193 9.66 4.81 10.92
C GLY A 193 8.17 4.65 11.18
N LEU A 194 7.34 5.43 10.48
CA LEU A 194 5.89 5.36 10.67
C LEU A 194 5.15 4.87 9.42
N GLY A 195 3.82 4.79 9.52
CA GLY A 195 2.99 4.35 8.41
C GLY A 195 3.32 2.99 7.83
N LYS A 196 3.96 2.13 8.62
CA LYS A 196 4.34 0.81 8.13
C LYS A 196 3.14 -0.07 7.76
N GLY A 197 1.96 0.28 8.24
CA GLY A 197 0.78 -0.50 7.93
C GLY A 197 -0.22 0.26 7.07
N GLY A 198 0.20 1.39 6.51
CA GLY A 198 -0.70 2.16 5.68
C GLY A 198 -0.96 1.58 4.30
N SER A 199 -2.14 1.86 3.76
CA SER A 199 -2.51 1.40 2.41
C SER A 199 -3.79 2.13 2.01
N LEU A 200 -4.19 1.97 0.75
CA LEU A 200 -5.40 2.64 0.28
C LEU A 200 -6.65 2.02 0.91
N LYS A 201 -6.47 0.96 1.68
CA LYS A 201 -7.59 0.30 2.35
C LYS A 201 -7.89 0.97 3.69
N ASN A 202 -6.90 1.66 4.27
CA ASN A 202 -7.11 2.32 5.55
C ASN A 202 -6.71 3.79 5.50
N THR A 203 -6.36 4.29 4.33
CA THR A 203 -5.93 5.66 4.19
C THR A 203 -6.35 6.27 2.87
N LEU A 204 -6.85 7.51 2.97
CA LEU A 204 -7.29 8.26 1.81
C LEU A 204 -6.08 9.09 1.39
N VAL A 205 -5.51 8.76 0.25
CA VAL A 205 -4.34 9.49 -0.24
C VAL A 205 -4.74 10.53 -1.29
N LEU A 206 -4.43 11.79 -1.01
CA LEU A 206 -4.77 12.89 -1.89
C LEU A 206 -3.53 13.48 -2.57
N GLY A 207 -3.70 13.88 -3.83
CA GLY A 207 -2.61 14.48 -4.56
C GLY A 207 -2.88 15.96 -4.71
N LYS A 208 -2.11 16.66 -5.54
CA LYS A 208 -2.29 18.09 -5.75
C LYS A 208 -3.72 18.40 -6.20
N ASP A 209 -4.30 17.54 -7.02
CA ASP A 209 -5.66 17.77 -7.48
C ASP A 209 -6.29 16.45 -7.91
N LYS A 210 -6.03 15.40 -7.14
CA LYS A 210 -6.53 14.08 -7.44
C LYS A 210 -6.61 13.20 -6.19
N VAL A 211 -7.55 12.27 -6.19
CA VAL A 211 -7.72 11.33 -5.09
C VAL A 211 -7.25 9.97 -5.61
N TYR A 212 -6.17 9.44 -5.04
CA TYR A 212 -5.63 8.15 -5.48
C TYR A 212 -6.57 6.97 -5.33
N ASN A 213 -7.22 6.87 -4.18
CA ASN A 213 -8.13 5.77 -3.90
C ASN A 213 -9.20 5.63 -4.99
N PRO A 214 -9.40 4.41 -5.50
CA PRO A 214 -10.41 4.21 -6.54
C PRO A 214 -11.83 4.51 -6.06
N GLU A 215 -12.11 4.21 -4.79
CA GLU A 215 -13.43 4.46 -4.19
C GLU A 215 -13.74 5.96 -4.02
N GLY A 216 -12.73 6.81 -4.19
CA GLY A 216 -12.95 8.24 -4.04
C GLY A 216 -13.25 8.66 -2.61
N LEU A 217 -13.84 9.85 -2.46
CA LEU A 217 -14.19 10.37 -1.13
C LEU A 217 -15.64 10.06 -0.79
N ARG A 218 -15.90 9.75 0.48
CA ARG A 218 -17.27 9.49 0.89
C ARG A 218 -18.01 10.82 0.98
N TYR A 219 -17.26 11.89 1.26
CA TYR A 219 -17.82 13.24 1.35
C TYR A 219 -16.82 14.19 0.70
N GLU A 220 -17.30 15.25 0.05
CA GLU A 220 -16.38 16.19 -0.59
C GLU A 220 -15.48 16.80 0.48
N ASN A 221 -15.93 16.77 1.74
CA ASN A 221 -15.15 17.31 2.85
C ASN A 221 -14.78 16.24 3.88
N GLU A 222 -14.63 14.99 3.45
CA GLU A 222 -14.29 13.90 4.35
C GLU A 222 -13.05 14.21 5.20
N PRO A 223 -12.03 14.84 4.60
CA PRO A 223 -10.84 15.17 5.40
C PRO A 223 -11.12 16.06 6.62
N VAL A 224 -11.87 17.14 6.46
CA VAL A 224 -12.15 17.98 7.64
C VAL A 224 -13.03 17.23 8.63
N ARG A 225 -13.92 16.37 8.13
CA ARG A 225 -14.77 15.57 9.01
C ARG A 225 -13.87 14.69 9.88
N HIS A 226 -12.84 14.12 9.27
CA HIS A 226 -11.94 13.26 10.02
C HIS A 226 -11.16 14.06 11.05
N LYS A 227 -10.75 15.27 10.69
CA LYS A 227 -10.01 16.12 11.62
C LYS A 227 -10.88 16.42 12.85
N VAL A 228 -12.18 16.58 12.64
CA VAL A 228 -13.10 16.83 13.75
C VAL A 228 -13.14 15.58 14.64
N PHE A 229 -13.18 14.42 13.98
CA PHE A 229 -13.19 13.12 14.67
C PHE A 229 -11.94 12.96 15.54
N ASP A 230 -10.76 13.30 14.99
CA ASP A 230 -9.51 13.20 15.74
C ASP A 230 -9.50 14.12 16.95
N LEU A 231 -9.96 15.35 16.78
CA LEU A 231 -9.98 16.32 17.86
C LEU A 231 -10.88 15.87 19.01
N ILE A 232 -12.03 15.29 18.67
CA ILE A 232 -12.95 14.83 19.70
C ILE A 232 -12.27 13.70 20.47
N GLY A 233 -11.41 12.95 19.78
CA GLY A 233 -10.69 11.87 20.43
C GLY A 233 -9.65 12.47 21.36
N ASP A 234 -8.92 13.47 20.87
CA ASP A 234 -7.90 14.10 21.70
C ASP A 234 -8.50 14.86 22.89
N LEU A 235 -9.71 15.39 22.72
CA LEU A 235 -10.33 16.12 23.83
C LEU A 235 -10.68 15.19 24.99
N TYR A 236 -10.94 13.92 24.69
CA TYR A 236 -11.30 12.98 25.76
C TYR A 236 -10.13 12.76 26.72
N LEU A 237 -8.93 13.20 26.32
CA LEU A 237 -7.77 13.07 27.19
C LEU A 237 -7.91 14.01 28.38
N LEU A 238 -8.99 14.78 28.41
CA LEU A 238 -9.23 15.68 29.54
C LEU A 238 -9.70 14.85 30.74
N GLY A 239 -9.96 13.56 30.51
CA GLY A 239 -10.38 12.71 31.61
C GLY A 239 -11.85 12.36 31.71
N SER A 240 -12.71 13.12 31.05
CA SER A 240 -14.14 12.86 31.09
C SER A 240 -14.83 13.55 29.93
N PRO A 241 -16.06 13.12 29.57
CA PRO A 241 -16.78 13.74 28.46
C PRO A 241 -16.71 15.26 28.55
N VAL A 242 -16.56 15.91 27.40
CA VAL A 242 -16.42 17.36 27.38
C VAL A 242 -17.62 18.16 26.93
N LYS A 243 -17.82 19.30 27.58
CA LYS A 243 -18.89 20.22 27.23
C LYS A 243 -18.21 21.56 26.92
N GLY A 244 -18.26 21.97 25.67
CA GLY A 244 -17.64 23.21 25.27
C GLY A 244 -17.74 23.39 23.76
N LYS A 245 -17.53 24.61 23.30
CA LYS A 245 -17.59 24.94 21.88
C LYS A 245 -16.17 25.11 21.39
N PHE A 246 -15.77 24.29 20.41
CA PHE A 246 -14.41 24.34 19.89
C PHE A 246 -14.28 24.69 18.42
N TYR A 247 -13.24 25.46 18.10
CA TYR A 247 -12.95 25.86 16.73
C TYR A 247 -11.47 25.65 16.47
N SER A 248 -11.16 24.78 15.52
CA SER A 248 -9.79 24.49 15.17
C SER A 248 -9.48 24.89 13.74
N PHE A 249 -8.48 25.74 13.58
CA PHE A 249 -8.04 26.19 12.27
C PHE A 249 -6.71 25.52 11.98
N ARG A 250 -6.73 24.51 11.13
CA ARG A 250 -5.51 23.79 10.76
C ARG A 250 -4.84 23.02 11.90
N GLY A 251 -5.59 22.74 12.96
CA GLY A 251 -4.99 22.03 14.07
C GLY A 251 -4.62 20.58 13.76
N GLY A 252 -3.83 20.00 14.66
CA GLY A 252 -3.40 18.63 14.54
C GLY A 252 -3.31 18.09 15.96
N HIS A 253 -2.89 16.83 16.11
CA HIS A 253 -2.79 16.24 17.44
C HIS A 253 -1.96 17.08 18.41
N SER A 254 -0.81 17.57 17.94
CA SER A 254 0.06 18.39 18.80
C SER A 254 -0.68 19.60 19.36
N LEU A 255 -1.34 20.36 18.50
CA LEU A 255 -2.06 21.53 18.97
C LEU A 255 -3.25 21.11 19.84
N ASN A 256 -3.92 20.00 19.47
CA ASN A 256 -5.05 19.51 20.26
C ASN A 256 -4.63 19.20 21.70
N VAL A 257 -3.54 18.44 21.84
CA VAL A 257 -3.04 18.08 23.15
C VAL A 257 -2.58 19.30 23.92
N LYS A 258 -2.04 20.29 23.21
CA LYS A 258 -1.59 21.52 23.85
C LYS A 258 -2.81 22.24 24.42
N LEU A 259 -3.91 22.21 23.69
CA LEU A 259 -5.14 22.83 24.15
C LEU A 259 -5.62 22.12 25.40
N VAL A 260 -5.66 20.80 25.33
CA VAL A 260 -6.10 19.97 26.44
C VAL A 260 -5.28 20.24 27.71
N LYS A 261 -3.96 20.27 27.57
CA LYS A 261 -3.10 20.53 28.73
C LYS A 261 -3.35 21.89 29.38
N GLU A 262 -3.50 22.93 28.56
CA GLU A 262 -3.75 24.25 29.13
C GLU A 262 -5.14 24.35 29.76
N LEU A 263 -6.11 23.65 29.18
CA LEU A 263 -7.46 23.65 29.73
C LEU A 263 -7.43 22.96 31.10
N ALA A 264 -6.65 21.89 31.21
CA ALA A 264 -6.54 21.15 32.45
C ALA A 264 -5.84 21.97 33.54
N LYS A 265 -4.79 22.70 33.16
CA LYS A 265 -4.03 23.54 34.09
C LYS A 265 -4.97 24.54 34.76
N LYS A 266 -5.71 25.28 33.94
CA LYS A 266 -6.64 26.27 34.45
C LYS A 266 -7.78 25.56 35.18
N GLN A 267 -7.66 24.24 35.30
CA GLN A 267 -8.67 23.42 35.96
C GLN A 267 -10.06 23.86 35.51
N LYS A 268 -10.11 24.42 34.32
CA LYS A 268 -11.36 24.92 33.73
C LYS A 268 -12.38 23.82 33.51
N GLY B 2 23.94 -24.07 -25.67
CA GLY B 2 23.91 -24.96 -24.48
C GLY B 2 22.84 -26.03 -24.57
N LEU B 3 22.76 -26.88 -23.55
CA LEU B 3 21.78 -27.95 -23.54
C LEU B 3 20.43 -27.47 -23.02
N GLU B 4 19.35 -28.15 -23.40
CA GLU B 4 18.03 -27.80 -22.92
C GLU B 4 18.05 -28.08 -21.42
N LYS B 5 17.24 -27.35 -20.66
CA LYS B 5 17.21 -27.54 -19.22
C LYS B 5 15.81 -27.57 -18.64
N THR B 6 15.71 -28.14 -17.45
CA THR B 6 14.46 -28.23 -16.73
C THR B 6 14.87 -28.11 -15.26
N VAL B 7 13.94 -28.31 -14.33
CA VAL B 7 14.28 -28.21 -12.93
C VAL B 7 14.46 -29.58 -12.27
N LYS B 8 15.44 -29.70 -11.39
CA LYS B 8 15.71 -30.96 -10.70
C LYS B 8 14.45 -31.45 -10.00
N GLU B 9 13.81 -30.55 -9.26
CA GLU B 9 12.60 -30.87 -8.56
C GLU B 9 11.64 -29.69 -8.70
N LYS B 10 10.37 -29.91 -8.40
CA LYS B 10 9.38 -28.86 -8.53
C LYS B 10 9.69 -27.72 -7.57
N LEU B 11 9.39 -26.51 -8.01
CA LEU B 11 9.62 -25.32 -7.19
C LEU B 11 8.31 -24.56 -7.17
N SER B 12 7.94 -24.02 -6.02
CA SER B 12 6.70 -23.27 -5.95
C SER B 12 6.90 -21.90 -5.30
N PHE B 13 6.08 -20.94 -5.72
CA PHE B 13 6.13 -19.58 -5.19
C PHE B 13 4.69 -19.12 -4.97
N GLU B 14 4.47 -18.37 -3.92
CA GLU B 14 3.13 -17.88 -3.65
C GLU B 14 3.17 -16.44 -3.17
N GLY B 15 2.07 -15.73 -3.35
CA GLY B 15 2.00 -14.36 -2.94
C GLY B 15 0.75 -13.73 -3.52
N VAL B 16 0.80 -12.42 -3.75
CA VAL B 16 -0.35 -11.74 -4.30
C VAL B 16 -0.02 -11.26 -5.71
N GLY B 17 -1.04 -11.17 -6.55
CA GLY B 17 -0.83 -10.70 -7.91
C GLY B 17 -0.84 -9.19 -7.80
N ILE B 18 0.09 -8.52 -8.46
CA ILE B 18 0.14 -7.06 -8.34
C ILE B 18 -1.10 -6.40 -8.93
N HIS B 19 -1.72 -7.03 -9.93
CA HIS B 19 -2.92 -6.44 -10.52
C HIS B 19 -4.24 -6.94 -9.91
N THR B 20 -4.38 -8.25 -9.74
CA THR B 20 -5.60 -8.81 -9.16
C THR B 20 -5.74 -8.55 -7.67
N GLY B 21 -4.61 -8.50 -6.96
CA GLY B 21 -4.66 -8.31 -5.53
C GLY B 21 -5.14 -9.58 -4.86
N GLU B 22 -5.22 -10.66 -5.64
CA GLU B 22 -5.68 -11.95 -5.13
C GLU B 22 -4.51 -12.90 -4.86
N TYR B 23 -4.75 -13.88 -3.99
CA TYR B 23 -3.72 -14.88 -3.67
C TYR B 23 -3.33 -15.55 -4.99
N SER B 24 -2.04 -15.80 -5.16
CA SER B 24 -1.54 -16.44 -6.37
C SER B 24 -0.39 -17.35 -5.99
N LYS B 25 -0.25 -18.46 -6.73
CA LYS B 25 0.83 -19.39 -6.48
C LYS B 25 1.13 -20.14 -7.74
N LEU B 26 2.39 -20.45 -7.95
CA LEU B 26 2.78 -21.20 -9.12
C LEU B 26 3.66 -22.37 -8.67
N ILE B 27 3.55 -23.47 -9.39
CA ILE B 27 4.35 -24.65 -9.11
C ILE B 27 5.04 -25.00 -10.41
N ILE B 28 6.38 -25.03 -10.39
CA ILE B 28 7.15 -25.34 -11.59
C ILE B 28 7.53 -26.82 -11.56
N HIS B 29 6.99 -27.58 -12.50
CA HIS B 29 7.24 -29.02 -12.61
C HIS B 29 8.17 -29.33 -13.78
N PRO B 30 9.00 -30.38 -13.62
CA PRO B 30 9.95 -30.82 -14.64
C PRO B 30 9.22 -31.36 -15.87
N GLU B 31 9.86 -31.27 -17.03
CA GLU B 31 9.29 -31.77 -18.28
C GLU B 31 10.42 -32.30 -19.16
N LYS B 32 10.14 -33.34 -19.92
CA LYS B 32 11.13 -33.95 -20.79
C LYS B 32 11.57 -33.01 -21.91
N GLU B 33 12.65 -33.38 -22.59
CA GLU B 33 13.20 -32.58 -23.69
C GLU B 33 12.10 -32.27 -24.71
N GLY B 34 12.26 -31.15 -25.41
CA GLY B 34 11.31 -30.77 -26.44
C GLY B 34 9.91 -30.35 -26.00
N THR B 35 9.66 -30.34 -24.69
CA THR B 35 8.36 -29.95 -24.18
C THR B 35 8.08 -28.45 -24.33
N GLY B 36 9.07 -27.63 -24.01
CA GLY B 36 8.89 -26.20 -24.09
C GLY B 36 8.32 -25.66 -22.78
N ILE B 37 8.05 -24.37 -22.73
CA ILE B 37 7.50 -23.77 -21.53
C ILE B 37 6.02 -23.49 -21.71
N ARG B 38 5.23 -23.97 -20.76
CA ARG B 38 3.79 -23.78 -20.82
C ARG B 38 3.21 -23.63 -19.43
N PHE B 39 2.10 -22.91 -19.35
CA PHE B 39 1.43 -22.73 -18.07
C PHE B 39 0.26 -23.69 -18.05
N PHE B 40 -0.22 -24.01 -16.85
CA PHE B 40 -1.37 -24.89 -16.71
C PHE B 40 -2.35 -24.22 -15.75
N LYS B 41 -3.54 -23.94 -16.22
CA LYS B 41 -4.53 -23.32 -15.37
C LYS B 41 -5.92 -23.91 -15.60
N ASN B 42 -6.55 -24.36 -14.51
CA ASN B 42 -7.88 -24.95 -14.57
C ASN B 42 -8.09 -25.95 -15.70
N GLY B 43 -7.14 -26.87 -15.84
CA GLY B 43 -7.26 -27.89 -16.87
C GLY B 43 -6.75 -27.53 -18.26
N VAL B 44 -6.39 -26.27 -18.46
CA VAL B 44 -5.91 -25.83 -19.77
C VAL B 44 -4.42 -25.47 -19.82
N TYR B 45 -3.72 -25.96 -20.85
CA TYR B 45 -2.32 -25.64 -21.03
C TYR B 45 -2.21 -24.41 -21.92
N ILE B 46 -1.43 -23.44 -21.47
CA ILE B 46 -1.24 -22.22 -22.24
C ILE B 46 0.24 -22.09 -22.55
N PRO B 47 0.62 -22.31 -23.82
CA PRO B 47 2.04 -22.22 -24.21
C PRO B 47 2.57 -20.81 -23.97
N ALA B 48 3.83 -20.70 -23.55
CA ALA B 48 4.41 -19.37 -23.31
C ALA B 48 4.83 -18.82 -24.67
N ARG B 49 3.85 -18.50 -25.50
CA ARG B 49 4.12 -17.99 -26.84
C ARG B 49 3.29 -16.77 -27.19
N HIS B 50 3.85 -15.95 -28.07
CA HIS B 50 3.19 -14.71 -28.50
C HIS B 50 1.77 -14.89 -29.02
N GLU B 51 1.48 -16.02 -29.65
CA GLU B 51 0.13 -16.24 -30.18
C GLU B 51 -0.92 -16.25 -29.08
N PHE B 52 -0.52 -16.47 -27.84
CA PHE B 52 -1.47 -16.51 -26.75
C PHE B 52 -1.56 -15.24 -25.90
N VAL B 53 -0.92 -14.16 -26.38
CA VAL B 53 -0.97 -12.89 -25.67
C VAL B 53 -2.38 -12.30 -25.79
N VAL B 54 -2.94 -11.85 -24.69
CA VAL B 54 -4.28 -11.27 -24.72
C VAL B 54 -4.36 -9.85 -24.17
N HIS B 55 -3.27 -9.38 -23.57
CA HIS B 55 -3.22 -8.05 -22.99
C HIS B 55 -1.77 -7.61 -22.81
N THR B 56 -1.48 -6.33 -23.04
CA THR B 56 -0.11 -5.84 -22.89
C THR B 56 -0.02 -4.49 -22.19
N ASN B 57 -1.12 -4.07 -21.57
CA ASN B 57 -1.15 -2.81 -20.85
C ASN B 57 -0.86 -3.03 -19.38
N HIS B 58 0.30 -2.56 -18.93
CA HIS B 58 0.71 -2.69 -17.53
C HIS B 58 1.19 -4.10 -17.13
N SER B 59 1.27 -5.00 -18.11
CA SER B 59 1.73 -6.37 -17.88
C SER B 59 1.47 -7.17 -19.15
N THR B 60 2.09 -8.35 -19.24
CA THR B 60 1.90 -9.21 -20.41
C THR B 60 1.07 -10.38 -19.94
N ASP B 61 -0.13 -10.51 -20.49
CA ASP B 61 -1.02 -11.59 -20.10
C ASP B 61 -1.24 -12.61 -21.20
N LEU B 62 -1.32 -13.87 -20.80
CA LEU B 62 -1.54 -14.95 -21.75
C LEU B 62 -2.90 -15.57 -21.52
N GLY B 63 -3.54 -16.01 -22.60
CA GLY B 63 -4.85 -16.61 -22.47
C GLY B 63 -5.12 -17.70 -23.49
N PHE B 64 -6.01 -18.63 -23.15
CA PHE B 64 -6.38 -19.72 -24.06
C PHE B 64 -7.62 -20.43 -23.54
N LYS B 65 -8.58 -20.63 -24.44
CA LYS B 65 -9.83 -21.31 -24.13
C LYS B 65 -10.55 -20.78 -22.90
N GLY B 66 -10.58 -19.46 -22.75
CA GLY B 66 -11.28 -18.87 -21.62
C GLY B 66 -10.51 -18.82 -20.31
N GLN B 67 -9.23 -19.21 -20.35
CA GLN B 67 -8.39 -19.18 -19.16
C GLN B 67 -7.27 -18.16 -19.35
N ARG B 68 -7.15 -17.20 -18.45
CA ARG B 68 -6.09 -16.22 -18.61
C ARG B 68 -5.20 -16.11 -17.39
N ILE B 69 -3.92 -15.85 -17.65
CA ILE B 69 -2.93 -15.68 -16.60
C ILE B 69 -2.24 -14.33 -16.84
N LYS B 70 -2.33 -13.42 -15.86
CA LYS B 70 -1.71 -12.11 -16.00
C LYS B 70 -0.29 -12.03 -15.47
N THR B 71 0.48 -11.09 -16.03
CA THR B 71 1.85 -10.81 -15.60
C THR B 71 2.84 -11.99 -15.63
N VAL B 72 3.12 -12.50 -16.82
CA VAL B 72 4.06 -13.61 -16.96
C VAL B 72 5.49 -13.14 -17.26
N GLU B 73 5.63 -11.85 -17.58
CA GLU B 73 6.94 -11.31 -17.95
C GLU B 73 8.13 -11.58 -17.02
N HIS B 74 7.92 -11.52 -15.72
CA HIS B 74 9.01 -11.72 -14.77
C HIS B 74 9.48 -13.17 -14.62
N ILE B 75 8.55 -14.10 -14.49
CA ILE B 75 8.93 -15.50 -14.36
C ILE B 75 9.53 -15.95 -15.70
N LEU B 76 9.01 -15.44 -16.81
CA LEU B 76 9.55 -15.80 -18.12
C LEU B 76 10.94 -15.21 -18.34
N SER B 77 11.16 -13.99 -17.85
CA SER B 77 12.46 -13.35 -18.02
C SER B 77 13.53 -14.17 -17.31
N VAL B 78 13.24 -14.57 -16.08
CA VAL B 78 14.16 -15.37 -15.29
C VAL B 78 14.44 -16.70 -15.99
N LEU B 79 13.39 -17.33 -16.50
CA LEU B 79 13.55 -18.61 -17.20
C LEU B 79 14.37 -18.44 -18.48
N HIS B 80 14.21 -17.28 -19.13
CA HIS B 80 14.95 -17.00 -20.36
C HIS B 80 16.42 -16.84 -20.04
N LEU B 81 16.72 -16.10 -18.97
CA LEU B 81 18.10 -15.85 -18.54
C LEU B 81 18.84 -17.08 -18.07
N LEU B 82 18.11 -18.04 -17.52
CA LEU B 82 18.71 -19.28 -17.03
C LEU B 82 18.61 -20.37 -18.10
N GLU B 83 17.97 -20.03 -19.20
CA GLU B 83 17.78 -20.95 -20.32
C GLU B 83 16.98 -22.20 -19.96
N ILE B 84 16.03 -22.07 -19.04
CA ILE B 84 15.18 -23.20 -18.69
C ILE B 84 14.24 -23.34 -19.89
N THR B 85 14.27 -24.50 -20.54
CA THR B 85 13.43 -24.69 -21.72
C THR B 85 12.26 -25.67 -21.61
N ASN B 86 12.24 -26.52 -20.60
CA ASN B 86 11.14 -27.47 -20.48
C ASN B 86 10.53 -27.57 -19.10
N VAL B 87 9.41 -26.89 -18.90
CA VAL B 87 8.72 -26.92 -17.62
C VAL B 87 7.24 -26.66 -17.78
N THR B 88 6.48 -27.09 -16.79
CA THR B 88 5.05 -26.87 -16.77
C THR B 88 4.81 -26.00 -15.53
N ILE B 89 4.31 -24.80 -15.75
CA ILE B 89 4.05 -23.88 -14.65
C ILE B 89 2.57 -23.88 -14.29
N GLU B 90 2.20 -24.67 -13.29
CA GLU B 90 0.81 -24.73 -12.86
C GLU B 90 0.52 -23.41 -12.15
N VAL B 91 -0.63 -22.82 -12.46
CA VAL B 91 -0.98 -21.56 -11.85
C VAL B 91 -2.26 -21.63 -11.04
N ILE B 92 -2.17 -21.16 -9.80
CA ILE B 92 -3.31 -21.08 -8.90
C ILE B 92 -3.59 -19.59 -8.83
N GLY B 93 -4.79 -19.19 -9.26
CA GLY B 93 -5.13 -17.78 -9.27
C GLY B 93 -5.16 -17.32 -10.70
N ASN B 94 -5.29 -16.03 -10.93
CA ASN B 94 -5.37 -15.52 -12.29
C ASN B 94 -4.17 -14.68 -12.69
N GLU B 95 -3.11 -14.76 -11.89
CA GLU B 95 -1.91 -13.99 -12.16
C GLU B 95 -0.70 -14.57 -11.44
N ILE B 96 0.49 -14.35 -11.97
CA ILE B 96 1.73 -14.83 -11.36
C ILE B 96 1.98 -13.95 -10.14
N PRO B 97 2.40 -14.56 -9.01
CA PRO B 97 2.68 -13.74 -7.82
C PRO B 97 3.74 -12.71 -8.20
N ILE B 98 3.64 -11.50 -7.66
CA ILE B 98 4.60 -10.46 -7.98
C ILE B 98 5.81 -10.47 -7.03
N LEU B 99 5.61 -11.04 -5.84
CA LEU B 99 6.65 -11.09 -4.81
C LEU B 99 7.16 -9.67 -4.55
N ASP B 100 8.48 -9.44 -4.56
CA ASP B 100 9.00 -8.10 -4.31
C ASP B 100 9.06 -7.21 -5.56
N GLY B 101 8.51 -7.69 -6.68
CA GLY B 101 8.52 -6.90 -7.89
C GLY B 101 9.67 -7.13 -8.86
N SER B 102 10.64 -7.96 -8.47
CA SER B 102 11.78 -8.25 -9.34
C SER B 102 11.79 -9.74 -9.65
N GLY B 103 12.88 -10.22 -10.22
CA GLY B 103 12.96 -11.64 -10.53
C GLY B 103 13.86 -12.35 -9.55
N TRP B 104 14.29 -11.64 -8.51
CA TRP B 104 15.22 -12.20 -7.53
C TRP B 104 14.88 -13.54 -6.90
N GLU B 105 13.72 -13.64 -6.25
CA GLU B 105 13.33 -14.89 -5.61
C GLU B 105 13.25 -16.01 -6.63
N PHE B 106 12.68 -15.71 -7.79
CA PHE B 106 12.56 -16.69 -8.87
C PHE B 106 13.97 -17.15 -9.26
N TYR B 107 14.83 -16.18 -9.54
CA TYR B 107 16.21 -16.44 -9.97
C TYR B 107 17.03 -17.27 -9.00
N GLU B 108 17.07 -16.87 -7.73
CA GLU B 108 17.85 -17.61 -6.75
C GLU B 108 17.39 -19.04 -6.55
N ALA B 109 16.08 -19.23 -6.49
CA ALA B 109 15.55 -20.57 -6.30
C ALA B 109 15.81 -21.46 -7.51
N ILE B 110 15.45 -20.97 -8.69
CA ILE B 110 15.63 -21.74 -9.91
C ILE B 110 17.09 -22.04 -10.25
N ARG B 111 17.95 -21.04 -10.06
CA ARG B 111 19.38 -21.16 -10.34
C ARG B 111 20.03 -22.37 -9.67
N LYS B 112 19.66 -22.63 -8.42
CA LYS B 112 20.23 -23.74 -7.66
C LYS B 112 19.51 -25.08 -7.89
N ASN B 113 18.64 -25.14 -8.90
CA ASN B 113 17.91 -26.36 -9.18
C ASN B 113 17.80 -26.66 -10.67
N ILE B 114 18.83 -26.31 -11.41
CA ILE B 114 18.84 -26.56 -12.85
C ILE B 114 19.18 -28.01 -13.14
N LEU B 115 18.61 -28.55 -14.21
CA LEU B 115 18.87 -29.93 -14.62
C LEU B 115 19.19 -29.98 -16.11
N ASN B 116 20.44 -30.29 -16.43
CA ASN B 116 20.84 -30.37 -17.83
C ASN B 116 20.16 -31.59 -18.45
N GLN B 117 19.68 -31.44 -19.67
CA GLN B 117 19.01 -32.53 -20.38
C GLN B 117 19.82 -32.88 -21.61
N ASN B 118 19.33 -33.85 -22.39
CA ASN B 118 20.05 -34.27 -23.59
C ASN B 118 19.42 -33.76 -24.87
N ARG B 119 19.95 -32.65 -25.36
CA ARG B 119 19.48 -32.01 -26.58
C ARG B 119 19.94 -30.55 -26.58
N GLU B 120 20.74 -30.17 -27.57
CA GLU B 120 21.22 -28.80 -27.64
C GLU B 120 20.03 -27.90 -27.93
N ILE B 121 20.04 -26.71 -27.34
CA ILE B 121 18.97 -25.75 -27.53
C ILE B 121 18.94 -25.25 -28.96
N ASP B 122 17.74 -25.13 -29.52
CA ASP B 122 17.58 -24.62 -30.87
C ASP B 122 17.13 -23.17 -30.71
N TYR B 123 18.11 -22.28 -30.54
CA TYR B 123 17.87 -20.87 -30.34
C TYR B 123 17.14 -20.16 -31.46
N PHE B 124 16.42 -19.10 -31.10
CA PHE B 124 15.73 -18.28 -32.10
C PHE B 124 16.77 -17.22 -32.41
N VAL B 125 17.42 -17.34 -33.56
CA VAL B 125 18.45 -16.40 -33.95
C VAL B 125 17.94 -15.29 -34.85
N VAL B 126 18.13 -14.04 -34.41
CA VAL B 126 17.71 -12.90 -35.22
C VAL B 126 18.63 -12.95 -36.46
N GLU B 127 18.03 -12.96 -37.64
CA GLU B 127 18.81 -13.07 -38.88
C GLU B 127 19.07 -11.77 -39.62
N GLU B 128 18.20 -10.79 -39.44
CA GLU B 128 18.38 -9.51 -40.10
C GLU B 128 17.85 -8.36 -39.26
N PRO B 129 18.27 -7.13 -39.57
CA PRO B 129 17.82 -5.94 -38.81
C PRO B 129 16.30 -5.78 -38.91
N ILE B 130 15.70 -5.29 -37.84
CA ILE B 130 14.25 -5.07 -37.79
C ILE B 130 13.94 -3.92 -36.84
N ILE B 131 12.94 -3.12 -37.18
CA ILE B 131 12.57 -1.99 -36.35
C ILE B 131 11.06 -1.75 -36.30
N VAL B 132 10.53 -1.70 -35.08
CA VAL B 132 9.11 -1.43 -34.90
C VAL B 132 9.04 -0.12 -34.11
N GLU B 133 8.13 0.76 -34.51
CA GLU B 133 8.00 2.06 -33.86
C GLU B 133 6.55 2.32 -33.47
N ASP B 134 6.37 3.27 -32.56
CA ASP B 134 5.04 3.63 -32.10
C ASP B 134 5.09 4.89 -31.24
N GLU B 135 4.65 6.01 -31.82
CA GLU B 135 4.64 7.28 -31.13
C GLU B 135 5.90 7.58 -30.32
N GLY B 136 7.00 7.83 -31.01
CA GLY B 136 8.25 8.14 -30.33
C GLY B 136 8.97 6.91 -29.83
N ARG B 137 8.22 5.91 -29.36
CA ARG B 137 8.79 4.68 -28.86
C ARG B 137 9.37 3.91 -30.03
N LEU B 138 10.47 3.21 -29.81
CA LEU B 138 11.13 2.46 -30.86
C LEU B 138 11.96 1.31 -30.31
N ILE B 139 11.97 0.19 -31.03
CA ILE B 139 12.76 -0.97 -30.63
C ILE B 139 13.41 -1.56 -31.87
N LYS B 140 14.71 -1.81 -31.79
CA LYS B 140 15.45 -2.37 -32.90
C LYS B 140 16.16 -3.65 -32.50
N ALA B 141 16.20 -4.61 -33.42
CA ALA B 141 16.85 -5.88 -33.18
C ALA B 141 17.73 -6.19 -34.38
N GLU B 142 18.81 -6.92 -34.13
CA GLU B 142 19.73 -7.31 -35.19
C GLU B 142 20.55 -8.51 -34.75
N PRO B 143 21.18 -9.21 -35.70
CA PRO B 143 22.00 -10.39 -35.41
C PRO B 143 23.03 -10.19 -34.32
N SER B 144 23.32 -11.27 -33.61
CA SER B 144 24.30 -11.26 -32.53
C SER B 144 24.47 -12.68 -32.02
N ASP B 145 25.70 -13.06 -31.75
CA ASP B 145 25.97 -14.40 -31.26
C ASP B 145 25.54 -14.54 -29.81
N THR B 146 25.30 -13.41 -29.15
CA THR B 146 24.90 -13.41 -27.75
C THR B 146 23.75 -12.46 -27.50
N LEU B 147 22.91 -12.80 -26.53
CA LEU B 147 21.79 -11.94 -26.19
C LEU B 147 22.31 -10.64 -25.58
N GLU B 148 21.95 -9.53 -26.19
CA GLU B 148 22.36 -8.22 -25.71
C GLU B 148 21.13 -7.32 -25.77
N VAL B 149 20.79 -6.70 -24.65
CA VAL B 149 19.60 -5.83 -24.61
C VAL B 149 19.88 -4.49 -23.96
N THR B 150 19.59 -3.42 -24.69
CA THR B 150 19.80 -2.08 -24.19
C THR B 150 18.47 -1.35 -24.16
N TYR B 151 18.19 -0.70 -23.03
CA TYR B 151 16.96 0.06 -22.90
C TYR B 151 17.31 1.51 -22.60
N GLU B 152 16.74 2.43 -23.36
CA GLU B 152 16.99 3.84 -23.11
C GLU B 152 15.67 4.51 -22.77
N GLY B 153 15.63 5.18 -21.63
CA GLY B 153 14.41 5.84 -21.24
C GLY B 153 14.58 7.35 -21.20
N GLU B 154 13.47 8.05 -21.32
CA GLU B 154 13.46 9.51 -21.27
C GLU B 154 12.32 9.84 -20.33
N PHE B 155 12.64 9.96 -19.04
CA PHE B 155 11.64 10.22 -18.03
C PHE B 155 11.32 11.68 -17.77
N LYS B 156 10.05 11.94 -17.46
CA LYS B 156 9.59 13.31 -17.20
C LYS B 156 9.79 13.70 -15.73
N ASN B 157 10.66 12.99 -15.02
CA ASN B 157 10.93 13.32 -13.63
C ASN B 157 12.44 13.47 -13.42
N PHE B 158 12.87 13.46 -12.17
CA PHE B 158 14.29 13.62 -11.87
C PHE B 158 15.21 12.63 -12.58
N LEU B 159 14.68 11.49 -13.01
CA LEU B 159 15.50 10.49 -13.69
C LEU B 159 16.03 10.94 -15.04
N GLY B 160 15.30 11.84 -15.71
CA GLY B 160 15.73 12.33 -17.01
C GLY B 160 16.02 11.22 -17.98
N ARG B 161 17.15 11.32 -18.69
CA ARG B 161 17.53 10.30 -19.66
C ARG B 161 18.52 9.29 -19.09
N GLN B 162 18.12 8.03 -19.07
CA GLN B 162 18.97 6.97 -18.57
C GLN B 162 19.06 5.87 -19.60
N LYS B 163 20.16 5.13 -19.55
CA LYS B 163 20.41 4.06 -20.49
C LYS B 163 21.14 2.92 -19.79
N PHE B 164 20.76 1.70 -20.12
CA PHE B 164 21.40 0.52 -19.51
C PHE B 164 21.50 -0.62 -20.51
N THR B 165 22.59 -1.38 -20.44
CA THR B 165 22.79 -2.50 -21.35
C THR B 165 23.13 -3.82 -20.67
N PHE B 166 22.35 -4.84 -21.01
CA PHE B 166 22.57 -6.18 -20.48
C PHE B 166 23.30 -7.00 -21.53
N VAL B 167 24.21 -7.86 -21.08
CA VAL B 167 24.94 -8.78 -21.96
C VAL B 167 25.02 -10.07 -21.14
N GLU B 168 25.12 -11.20 -21.83
CA GLU B 168 25.22 -12.49 -21.16
C GLU B 168 26.27 -12.50 -20.05
N GLY B 169 25.90 -13.04 -18.90
CA GLY B 169 26.82 -13.10 -17.77
C GLY B 169 26.55 -12.05 -16.71
N ASN B 170 25.76 -11.04 -17.05
CA ASN B 170 25.41 -9.97 -16.11
C ASN B 170 23.96 -10.10 -15.61
N GLU B 171 23.44 -11.33 -15.59
CA GLU B 171 22.07 -11.58 -15.14
C GLU B 171 21.75 -10.88 -13.83
N GLU B 172 22.67 -10.97 -12.88
CA GLU B 172 22.49 -10.38 -11.56
C GLU B 172 22.34 -8.86 -11.56
N GLU B 173 22.61 -8.21 -12.67
CA GLU B 173 22.48 -6.77 -12.72
C GLU B 173 21.05 -6.37 -13.03
N ILE B 174 20.22 -7.32 -13.43
CA ILE B 174 18.84 -6.99 -13.73
C ILE B 174 17.76 -7.75 -12.96
N VAL B 175 18.08 -8.94 -12.44
CA VAL B 175 17.08 -9.72 -11.71
C VAL B 175 16.65 -9.10 -10.38
N LEU B 176 17.34 -8.05 -9.96
CA LEU B 176 17.01 -7.36 -8.72
C LEU B 176 16.21 -6.09 -8.96
N ALA B 177 16.21 -5.59 -10.20
CA ALA B 177 15.47 -4.34 -10.51
C ALA B 177 13.98 -4.55 -10.32
N ARG B 178 13.38 -3.75 -9.43
N ARG B 178 13.37 -3.75 -9.43
CA ARG B 178 11.96 -3.87 -9.12
CA ARG B 178 11.95 -3.88 -9.13
C ARG B 178 11.01 -3.12 -10.05
C ARG B 178 11.02 -3.16 -10.09
N THR B 179 9.77 -3.60 -10.07
CA THR B 179 8.70 -3.01 -10.86
C THR B 179 8.61 -1.56 -10.37
N PHE B 180 8.27 -0.63 -11.25
CA PHE B 180 8.17 0.76 -10.83
C PHE B 180 6.97 1.45 -11.46
N ALA B 181 6.59 2.58 -10.89
CA ALA B 181 5.46 3.36 -11.36
C ALA B 181 5.58 4.78 -10.82
N PHE B 182 5.06 5.74 -11.59
CA PHE B 182 5.09 7.15 -11.19
C PHE B 182 3.79 7.45 -10.47
N ASP B 183 3.87 8.23 -9.39
CA ASP B 183 2.68 8.55 -8.63
C ASP B 183 1.53 9.01 -9.50
N TRP B 184 1.82 9.83 -10.50
CA TRP B 184 0.78 10.36 -11.39
C TRP B 184 0.09 9.34 -12.28
N GLU B 185 0.50 8.08 -12.22
CA GLU B 185 -0.16 7.09 -13.06
C GLU B 185 -0.91 6.08 -12.20
N ILE B 186 -0.69 6.12 -10.88
CA ILE B 186 -1.34 5.20 -9.98
C ILE B 186 -2.87 5.33 -9.98
N GLU B 187 -3.37 6.56 -9.96
CA GLU B 187 -4.81 6.80 -9.97
C GLU B 187 -5.46 6.09 -11.15
N HIS B 188 -4.90 6.29 -12.33
CA HIS B 188 -5.40 5.67 -13.55
C HIS B 188 -5.40 4.13 -13.47
N ILE B 189 -4.26 3.58 -13.07
CA ILE B 189 -4.12 2.13 -12.95
C ILE B 189 -5.20 1.50 -12.07
N LYS B 190 -5.46 2.11 -10.92
CA LYS B 190 -6.47 1.62 -10.00
C LYS B 190 -7.87 1.79 -10.60
N LYS B 191 -8.06 2.91 -11.30
CA LYS B 191 -9.35 3.23 -11.90
C LYS B 191 -9.75 2.22 -12.97
N VAL B 192 -8.79 1.73 -13.75
CA VAL B 192 -9.09 0.76 -14.81
C VAL B 192 -9.08 -0.70 -14.37
N GLY B 193 -9.26 -0.92 -13.06
CA GLY B 193 -9.30 -2.28 -12.53
C GLY B 193 -8.00 -3.03 -12.32
N LEU B 194 -6.87 -2.33 -12.33
CA LEU B 194 -5.57 -2.97 -12.15
C LEU B 194 -4.86 -2.54 -10.86
N GLY B 195 -3.60 -2.94 -10.73
CA GLY B 195 -2.79 -2.58 -9.57
C GLY B 195 -3.41 -2.80 -8.20
N LYS B 196 -4.37 -3.71 -8.11
CA LYS B 196 -5.04 -3.97 -6.83
C LYS B 196 -4.15 -4.61 -5.77
N GLY B 197 -3.01 -5.14 -6.18
CA GLY B 197 -2.12 -5.77 -5.21
C GLY B 197 -0.86 -4.97 -4.98
N GLY B 198 -0.75 -3.83 -5.65
CA GLY B 198 0.44 -3.01 -5.51
C GLY B 198 0.67 -2.41 -4.13
N SER B 199 1.93 -2.23 -3.77
CA SER B 199 2.30 -1.64 -2.49
C SER B 199 3.74 -1.16 -2.60
N LEU B 200 4.23 -0.49 -1.56
CA LEU B 200 5.61 -0.03 -1.59
C LEU B 200 6.53 -1.22 -1.37
N LYS B 201 5.92 -2.37 -1.09
CA LYS B 201 6.68 -3.60 -0.87
C LYS B 201 7.00 -4.33 -2.17
N ASN B 202 6.21 -4.06 -3.21
CA ASN B 202 6.44 -4.74 -4.49
C ASN B 202 6.54 -3.76 -5.65
N THR B 203 6.47 -2.47 -5.34
CA THR B 203 6.53 -1.45 -6.38
C THR B 203 7.32 -0.21 -5.99
N LEU B 204 8.23 0.20 -6.87
CA LEU B 204 9.02 1.39 -6.66
C LEU B 204 8.15 2.54 -7.21
N VAL B 205 7.69 3.41 -6.32
CA VAL B 205 6.85 4.53 -6.73
C VAL B 205 7.66 5.82 -6.73
N LEU B 206 7.75 6.43 -7.90
CA LEU B 206 8.50 7.66 -8.08
C LEU B 206 7.65 8.89 -8.33
N GLY B 207 8.03 10.00 -7.71
CA GLY B 207 7.33 11.25 -7.88
C GLY B 207 8.11 12.10 -8.87
N LYS B 208 7.75 13.39 -9.00
CA LYS B 208 8.47 14.24 -9.93
C LYS B 208 9.93 14.41 -9.51
N ASP B 209 10.17 14.47 -8.20
CA ASP B 209 11.53 14.64 -7.71
C ASP B 209 11.77 13.89 -6.41
N LYS B 210 11.10 12.76 -6.24
CA LYS B 210 11.25 11.98 -5.02
C LYS B 210 10.94 10.50 -5.21
N VAL B 211 11.45 9.69 -4.29
CA VAL B 211 11.20 8.26 -4.29
C VAL B 211 10.39 8.00 -3.03
N TYR B 212 9.19 7.45 -3.18
CA TYR B 212 8.34 7.19 -2.02
C TYR B 212 8.87 6.09 -1.10
N ASN B 213 9.33 5.00 -1.70
CA ASN B 213 9.85 3.87 -0.94
C ASN B 213 10.93 4.30 0.05
N PRO B 214 10.80 3.87 1.31
CA PRO B 214 11.81 4.24 2.31
C PRO B 214 13.18 3.65 1.98
N GLU B 215 13.18 2.50 1.32
CA GLU B 215 14.43 1.83 0.96
C GLU B 215 15.18 2.50 -0.21
N GLY B 216 14.53 3.46 -0.87
CA GLY B 216 15.17 4.12 -1.99
C GLY B 216 15.39 3.18 -3.18
N LEU B 217 16.26 3.58 -4.10
CA LEU B 217 16.55 2.77 -5.28
C LEU B 217 17.72 1.83 -5.06
N ARG B 218 17.62 0.63 -5.61
CA ARG B 218 18.69 -0.37 -5.49
C ARG B 218 19.85 0.10 -6.39
N TYR B 219 19.49 0.82 -7.45
CA TYR B 219 20.47 1.38 -8.40
C TYR B 219 19.93 2.73 -8.87
N GLU B 220 20.82 3.66 -9.20
CA GLU B 220 20.37 4.97 -9.65
C GLU B 220 19.55 4.82 -10.94
N ASN B 221 19.73 3.71 -11.64
CA ASN B 221 19.00 3.48 -12.88
C ASN B 221 18.16 2.20 -12.82
N GLU B 222 17.65 1.88 -11.63
CA GLU B 222 16.83 0.69 -11.44
C GLU B 222 15.65 0.60 -12.42
N PRO B 223 15.00 1.74 -12.74
CA PRO B 223 13.88 1.65 -13.68
C PRO B 223 14.27 1.07 -15.03
N VAL B 224 15.30 1.62 -15.68
CA VAL B 224 15.68 1.08 -16.98
C VAL B 224 16.20 -0.37 -16.84
N ARG B 225 16.82 -0.70 -15.72
CA ARG B 225 17.27 -2.10 -15.55
C ARG B 225 16.03 -2.98 -15.54
N HIS B 226 14.97 -2.49 -14.91
CA HIS B 226 13.74 -3.28 -14.85
C HIS B 226 13.14 -3.45 -16.24
N LYS B 227 13.18 -2.38 -17.04
CA LYS B 227 12.64 -2.44 -18.40
C LYS B 227 13.40 -3.47 -19.23
N VAL B 228 14.70 -3.58 -19.03
CA VAL B 228 15.48 -4.56 -19.77
C VAL B 228 14.98 -5.94 -19.33
N PHE B 229 14.77 -6.09 -18.03
CA PHE B 229 14.28 -7.35 -17.47
C PHE B 229 12.94 -7.71 -18.10
N ASP B 230 12.03 -6.74 -18.18
CA ASP B 230 10.71 -6.96 -18.79
C ASP B 230 10.84 -7.42 -20.24
N LEU B 231 11.67 -6.74 -21.01
CA LEU B 231 11.87 -7.07 -22.42
C LEU B 231 12.40 -8.48 -22.62
N ILE B 232 13.32 -8.90 -21.76
CA ILE B 232 13.87 -10.24 -21.90
C ILE B 232 12.77 -11.27 -21.64
N GLY B 233 11.82 -10.92 -20.76
CA GLY B 233 10.73 -11.83 -20.48
C GLY B 233 9.81 -11.92 -21.69
N ASP B 234 9.46 -10.78 -22.28
CA ASP B 234 8.58 -10.76 -23.44
C ASP B 234 9.23 -11.44 -24.65
N LEU B 235 10.55 -11.32 -24.79
CA LEU B 235 11.25 -11.95 -25.91
C LEU B 235 11.17 -13.47 -25.86
N TYR B 236 11.01 -14.03 -24.68
CA TYR B 236 10.94 -15.48 -24.55
C TYR B 236 9.65 -16.01 -25.18
N LEU B 237 8.72 -15.11 -25.48
CA LEU B 237 7.47 -15.52 -26.11
C LEU B 237 7.70 -15.93 -27.57
N LEU B 238 8.96 -15.88 -28.00
CA LEU B 238 9.30 -16.29 -29.36
C LEU B 238 9.35 -17.81 -29.41
N GLY B 239 9.33 -18.44 -28.25
CA GLY B 239 9.33 -19.89 -28.21
C GLY B 239 10.60 -20.58 -27.72
N SER B 240 11.72 -19.88 -27.76
CA SER B 240 12.99 -20.45 -27.31
C SER B 240 13.98 -19.36 -26.96
N PRO B 241 15.08 -19.72 -26.26
CA PRO B 241 16.09 -18.72 -25.91
C PRO B 241 16.47 -17.89 -27.12
N VAL B 242 16.64 -16.58 -26.92
CA VAL B 242 16.97 -15.70 -28.02
C VAL B 242 18.42 -15.27 -28.13
N LYS B 243 18.88 -15.07 -29.36
CA LYS B 243 20.24 -14.62 -29.63
C LYS B 243 20.11 -13.45 -30.59
N GLY B 244 20.37 -12.25 -30.08
CA GLY B 244 20.26 -11.06 -30.91
C GLY B 244 20.59 -9.82 -30.09
N LYS B 245 20.74 -8.70 -30.77
CA LYS B 245 21.05 -7.44 -30.11
C LYS B 245 19.83 -6.54 -30.22
N PHE B 246 19.33 -6.08 -29.08
CA PHE B 246 18.14 -5.24 -29.09
C PHE B 246 18.41 -3.91 -28.40
N TYR B 247 17.76 -2.88 -28.93
CA TYR B 247 17.86 -1.54 -28.39
C TYR B 247 16.44 -1.01 -28.32
N SER B 248 15.98 -0.73 -27.11
CA SER B 248 14.63 -0.23 -26.92
C SER B 248 14.65 1.20 -26.41
N PHE B 249 13.93 2.08 -27.09
CA PHE B 249 13.84 3.48 -26.70
C PHE B 249 12.42 3.75 -26.22
N ARG B 250 12.24 3.80 -24.91
CA ARG B 250 10.92 4.05 -24.31
C ARG B 250 9.92 2.93 -24.62
N GLY B 251 10.42 1.74 -24.89
CA GLY B 251 9.53 0.63 -25.19
C GLY B 251 8.72 0.12 -24.02
N GLY B 252 7.64 -0.59 -24.33
CA GLY B 252 6.79 -1.16 -23.30
C GLY B 252 6.34 -2.53 -23.76
N HIS B 253 5.57 -3.22 -22.93
CA HIS B 253 5.09 -4.56 -23.28
C HIS B 253 4.41 -4.60 -24.64
N SER B 254 3.57 -3.60 -24.93
CA SER B 254 2.87 -3.56 -26.21
C SER B 254 3.84 -3.57 -27.38
N LEU B 255 4.84 -2.69 -27.31
CA LEU B 255 5.85 -2.60 -28.36
C LEU B 255 6.71 -3.86 -28.35
N ASN B 256 7.05 -4.37 -27.16
CA ASN B 256 7.86 -5.57 -27.07
C ASN B 256 7.19 -6.74 -27.81
N VAL B 257 5.91 -6.95 -27.50
CA VAL B 257 5.15 -8.02 -28.13
C VAL B 257 5.02 -7.79 -29.64
N LYS B 258 4.79 -6.54 -30.02
CA LYS B 258 4.67 -6.21 -31.43
C LYS B 258 5.96 -6.64 -32.13
N LEU B 259 7.09 -6.34 -31.51
CA LEU B 259 8.38 -6.71 -32.08
C LEU B 259 8.46 -8.23 -32.21
N VAL B 260 8.12 -8.93 -31.14
CA VAL B 260 8.15 -10.39 -31.14
C VAL B 260 7.33 -10.98 -32.26
N LYS B 261 6.13 -10.43 -32.50
CA LYS B 261 5.27 -10.95 -33.55
C LYS B 261 5.85 -10.74 -34.93
N GLU B 262 6.44 -9.57 -35.18
CA GLU B 262 7.05 -9.31 -36.48
C GLU B 262 8.29 -10.17 -36.69
N LEU B 263 9.06 -10.41 -35.63
CA LEU B 263 10.25 -11.25 -35.75
C LEU B 263 9.82 -12.67 -36.09
N ALA B 264 8.69 -13.09 -35.52
CA ALA B 264 8.16 -14.42 -35.75
C ALA B 264 7.72 -14.59 -37.20
N LYS B 265 7.05 -13.58 -37.76
CA LYS B 265 6.59 -13.63 -39.14
C LYS B 265 7.73 -13.91 -40.11
N LYS B 266 8.86 -13.22 -39.91
CA LYS B 266 10.02 -13.40 -40.78
C LYS B 266 10.57 -14.81 -40.77
N GLN B 267 9.97 -15.68 -39.96
CA GLN B 267 10.40 -17.08 -39.88
C GLN B 267 11.91 -17.17 -39.67
N LYS B 268 12.37 -16.71 -38.51
CA LYS B 268 13.81 -16.75 -38.19
C LYS B 268 14.29 -18.16 -37.86
S SO4 C . -1.89 15.37 12.67
O1 SO4 C . -2.05 14.12 11.83
O2 SO4 C . -1.38 16.46 11.81
O3 SO4 C . -3.20 15.76 13.23
O4 SO4 C . -0.95 15.12 13.77
ZN ZN D . -7.32 10.15 12.66
ZN ZN E . 6.59 13.62 10.95
CL CL F . 7.72 12.93 12.53
C1 AI7 G . 1.26 3.44 2.38
C2 AI7 G . -0.83 3.93 0.55
C3 AI7 G . 0.06 2.85 0.31
C4 AI7 G . -1.25 8.33 8.03
C5 AI7 G . 2.07 1.45 0.99
C6 AI7 G . 0.34 6.92 5.47
C7 AI7 G . -0.66 4.75 1.71
C8 AI7 G . -0.28 6.23 4.26
C9 AI7 G . -2.26 10.29 9.28
C10 AI7 G . -1.10 9.29 9.22
C11 AI7 G . 0.38 4.52 2.66
C12 AI7 G . -0.09 7.32 7.96
C13 AI7 G . -0.24 6.35 6.77
C14 AI7 G . 1.13 2.59 1.23
O15 AI7 G . 1.97 0.63 -0.06
O16 AI7 G . 0.64 5.26 3.80
O17 AI7 G . 2.99 1.21 1.77
S SO4 H . 4.05 -1.27 -19.54
O1 SO4 H . 5.35 -1.60 -20.23
O2 SO4 H . 3.82 0.19 -19.63
O3 SO4 H . 2.92 -1.98 -20.20
O4 SO4 H . 4.11 -1.67 -18.12
ZN ZN I . 8.07 -5.77 -14.95
ZN ZN J . -3.68 1.87 -18.61
ZN ZN K . 1.66 -29.52 -9.22
C1 AI7 L . -0.42 0.80 -5.11
C2 AI7 L . 1.94 1.64 -3.82
C3 AI7 L . 0.79 1.39 -3.04
C4 AI7 L . 2.09 -0.84 -12.51
C5 AI7 L . -1.65 0.69 -2.85
C6 AI7 L . 1.17 -1.01 -8.75
C7 AI7 L . 1.91 1.48 -5.23
C8 AI7 L . 0.12 -0.30 -7.88
C9 AI7 L . 3.15 -0.89 -14.82
C10 AI7 L . 3.02 -1.62 -13.46
C11 AI7 L . 0.75 1.04 -5.93
C12 AI7 L . 1.92 -1.52 -11.15
C13 AI7 L . 0.98 -0.70 -10.24
C14 AI7 L . -0.41 0.96 -3.69
O15 AI7 L . -1.68 0.83 -1.50
O16 AI7 L . 0.69 0.88 -7.31
O17 AI7 L . -2.69 0.32 -3.37
#